data_7A5V
#
_entry.id   7A5V
#
_cell.length_a   1.00
_cell.length_b   1.00
_cell.length_c   1.00
_cell.angle_alpha   90.00
_cell.angle_beta   90.00
_cell.angle_gamma   90.00
#
_symmetry.space_group_name_H-M   'P 1'
#
loop_
_entity.id
_entity.type
_entity.pdbx_description
1 polymer 'Gamma-aminobutyric acid receptor subunit beta-3,Gamma-aminobutyric acid receptor subunit beta-3'
2 polymer 'Megabody Mb25'
3 branched 2-acetamido-2-deoxy-beta-D-glucopyranose-(1-4)-2-acetamido-2-deoxy-beta-D-glucopyranose
4 branched alpha-D-mannopyranose-(1-3)-[alpha-D-mannopyranose-(1-6)]beta-D-mannopyranose-(1-4)-2-acetamido-2-deoxy-beta-D-glucopyranose-(1-4)-2-acetamido-2-deoxy-beta-D-glucopyranose
5 non-polymer HEXADECANE
6 non-polymer DECANE
7 non-polymer 2-acetamido-2-deoxy-beta-D-glucopyranose
8 non-polymer N-OCTANE
9 non-polymer HISTAMINE
10 non-polymer 'CHLORIDE ION'
11 water water
#
loop_
_entity_poly.entity_id
_entity_poly.type
_entity_poly.pdbx_seq_one_letter_code
_entity_poly.pdbx_strand_id
1 'polypeptide(L)'
;EMDEKTTGWRGGHVVEGLAGELEQLRARLEHHPQGQREPDYDIPTTENLYFQGTGQSVNDPGNMSFVKETVDKLLKGYDI
RLRPDFGGPPVCVGMNIDIASIDMVSEVNMDYTLTMYFQQYWRDKRLAYSGIPLNLTLDNRVADQLWVPDTYFLNDKKSF
VHGVTVKNRMIRLHPDGTVLYGLRITTTAACMMDLRRYPLDEQNCTLEIESYGYTTDDIEFYWRGGDKAVTGVERIELPQ
FSIVEHRLVSRNVVFATGAYPRLSLSFRLKRNIGYFILQTYMPSILITILSWVSFWINYDASAARVALGITTVLTMTTIN
THLRETLPKIPYVTAIDMYLMGCFVFVFLALLEYAFVNYIFFSQPARAAAIDRWSRIVFPFTFSLFNLVYWLYYVN
;
A
2 'polypeptide(L)'
;QVQLVESGGGLVQTKTTTSVIDTTNDAQNLLTQAQTIVNTLKDYCPILIAKSSSSNGGTNNANTPSWQTAGGGKNSCATF
GAEFSAASDMINNAQKIVQETQQLSANQPKNITQPHNLNLNSPSSLTALAQKMLKNAQSQAEILKLANQVESDFNKLSSG
HLKDYIGKCDASAISSANMTMQNQKNNWGNGCAGVEETQSLLKTSAADFNNQTPQINQAQNLANTLIQELGNNTYEQLSR
LLTNDNGTNSKTSAQAINQAVNNLNERAKTLAGGTTNSPAYQATLLALRSVLGLWNSMGYAVICGGYTKSPGENNQKDFH
YTDENGNGTTINCGGSTNSNGTHSYNGTNTLKADKNVSLSIEQYEKIHEAYQILSKALKQAGLAPLNSKGEKLEAHVTTS
KYGSLRLSCAASGHTFNYPIMGWFRQAPGKEREFVGAISWSGGSTSYADSVKDRFTISRDNAKNTVYLEMNNLKPEDTAV
YYCAAKGRYSGGLYYPTNYDYWGQGTQVTVSSHHHHHHEPEA
;
O
#
# COMPACT_ATOMS: atom_id res chain seq x y z
N GLY A 62 -46.53 -16.22 -14.36
CA GLY A 62 -47.52 -15.49 -15.21
C GLY A 62 -48.67 -14.91 -14.40
N ASN A 63 -49.26 -15.73 -13.52
CA ASN A 63 -50.27 -15.31 -12.51
C ASN A 63 -49.55 -14.50 -11.42
N MET A 64 -49.76 -13.18 -11.40
CA MET A 64 -49.05 -12.23 -10.50
C MET A 64 -49.59 -12.37 -9.07
N SER A 65 -50.86 -12.73 -8.91
CA SER A 65 -51.49 -13.04 -7.60
C SER A 65 -50.85 -14.29 -6.99
N PHE A 66 -50.52 -15.28 -7.83
CA PHE A 66 -49.83 -16.53 -7.42
C PHE A 66 -48.40 -16.21 -6.95
N VAL A 67 -47.66 -15.40 -7.73
CA VAL A 67 -46.27 -14.99 -7.37
C VAL A 67 -46.35 -14.14 -6.09
N LYS A 68 -47.33 -13.25 -5.98
CA LYS A 68 -47.49 -12.40 -4.77
C LYS A 68 -47.74 -13.29 -3.57
N GLU A 69 -48.58 -14.33 -3.72
CA GLU A 69 -48.88 -15.31 -2.65
C GLU A 69 -47.58 -16.03 -2.26
N THR A 70 -46.84 -16.53 -3.25
CA THR A 70 -45.56 -17.25 -3.03
C THR A 70 -44.59 -16.35 -2.26
N VAL A 71 -44.41 -15.08 -2.68
CA VAL A 71 -43.43 -14.16 -2.05
C VAL A 71 -43.92 -13.78 -0.65
N ASP A 72 -45.21 -13.50 -0.47
CA ASP A 72 -45.80 -13.21 0.87
C ASP A 72 -45.51 -14.36 1.85
N LYS A 73 -45.65 -15.60 1.38
CA LYS A 73 -45.42 -16.80 2.21
C LYS A 73 -43.93 -16.86 2.63
N LEU A 74 -43.00 -16.53 1.70
CA LEU A 74 -41.53 -16.52 2.00
C LEU A 74 -41.25 -15.57 3.16
N LEU A 75 -41.91 -14.41 3.19
CA LEU A 75 -41.58 -13.35 4.17
C LEU A 75 -42.46 -13.42 5.42
N LYS A 76 -43.44 -14.33 5.47
CA LYS A 76 -44.34 -14.49 6.64
C LYS A 76 -43.55 -15.16 7.78
N GLY A 77 -43.42 -14.48 8.91
CA GLY A 77 -42.66 -14.98 10.08
C GLY A 77 -41.14 -15.00 9.82
N TYR A 78 -40.67 -14.34 8.76
CA TYR A 78 -39.21 -14.23 8.43
C TYR A 78 -38.59 -13.27 9.45
N ASP A 79 -37.52 -13.69 10.13
CA ASP A 79 -36.81 -12.85 11.12
C ASP A 79 -35.52 -12.32 10.48
N ILE A 80 -35.49 -11.04 10.11
CA ILE A 80 -34.29 -10.38 9.53
C ILE A 80 -33.12 -10.41 10.55
N ARG A 81 -33.40 -10.60 11.86
CA ARG A 81 -32.36 -10.53 12.91
C ARG A 81 -31.46 -11.74 12.83
N LEU A 82 -31.95 -12.85 12.26
CA LEU A 82 -31.27 -14.14 12.30
C LEU A 82 -30.66 -14.41 10.94
N ARG A 83 -29.38 -14.70 10.92
CA ARG A 83 -28.71 -15.15 9.71
C ARG A 83 -29.31 -16.49 9.25
N PRO A 84 -29.21 -16.85 7.97
CA PRO A 84 -29.56 -18.19 7.52
C PRO A 84 -28.80 -19.28 8.30
N ASP A 85 -29.48 -20.34 8.71
CA ASP A 85 -28.89 -21.46 9.48
C ASP A 85 -28.32 -20.99 10.83
N PHE A 86 -28.91 -19.94 11.41
CA PHE A 86 -28.56 -19.45 12.76
C PHE A 86 -28.42 -20.65 13.72
N GLY A 87 -27.32 -20.70 14.48
CA GLY A 87 -27.05 -21.78 15.44
C GLY A 87 -26.48 -23.03 14.78
N GLY A 88 -26.35 -23.03 13.45
CA GLY A 88 -25.86 -24.17 12.67
C GLY A 88 -24.52 -23.84 12.01
N PRO A 89 -24.14 -24.54 10.93
CA PRO A 89 -22.90 -24.26 10.23
C PRO A 89 -22.91 -22.82 9.68
N PRO A 90 -21.75 -22.21 9.46
CA PRO A 90 -21.69 -20.83 8.97
C PRO A 90 -22.38 -20.72 7.60
N VAL A 91 -22.95 -19.58 7.31
CA VAL A 91 -23.47 -19.29 5.94
C VAL A 91 -22.26 -18.95 5.05
N CYS A 92 -22.13 -19.61 3.92
CA CYS A 92 -21.05 -19.36 2.94
C CYS A 92 -21.49 -18.24 2.00
N VAL A 93 -20.74 -17.17 1.92
CA VAL A 93 -21.07 -16.02 1.05
C VAL A 93 -20.02 -15.96 -0.06
N GLY A 94 -20.42 -16.13 -1.30
CA GLY A 94 -19.56 -16.01 -2.47
C GLY A 94 -19.57 -14.59 -2.99
N MET A 95 -18.41 -14.06 -3.33
N MET A 95 -18.41 -14.01 -3.21
CA MET A 95 -18.21 -12.66 -3.74
CA MET A 95 -18.29 -12.63 -3.71
C MET A 95 -17.72 -12.60 -5.20
C MET A 95 -17.72 -12.64 -5.11
N ASN A 96 -18.35 -11.74 -5.99
N ASN A 96 -18.13 -11.65 -5.88
CA ASN A 96 -17.86 -11.31 -7.32
CA ASN A 96 -17.52 -11.36 -7.18
C ASN A 96 -17.67 -9.80 -7.29
C ASN A 96 -17.74 -9.89 -7.48
N ILE A 97 -16.73 -9.29 -8.07
CA ILE A 97 -16.63 -7.84 -8.28
C ILE A 97 -16.45 -7.62 -9.76
N ASP A 98 -17.16 -6.64 -10.31
CA ASP A 98 -16.91 -6.13 -11.67
C ASP A 98 -16.46 -4.69 -11.51
N ILE A 99 -15.20 -4.43 -11.78
CA ILE A 99 -14.58 -3.09 -11.65
CA ILE A 99 -14.63 -3.07 -11.60
C ILE A 99 -15.15 -2.20 -12.75
N ALA A 100 -15.68 -1.04 -12.41
CA ALA A 100 -16.14 -0.04 -13.39
C ALA A 100 -15.00 0.94 -13.69
N SER A 101 -14.29 1.40 -12.67
CA SER A 101 -13.25 2.43 -12.84
C SER A 101 -12.39 2.51 -11.59
N ILE A 102 -11.16 2.96 -11.76
CA ILE A 102 -10.39 3.62 -10.67
C ILE A 102 -10.20 5.07 -11.09
N ASP A 103 -10.93 5.98 -10.45
CA ASP A 103 -11.11 7.38 -10.90
C ASP A 103 -9.84 8.18 -10.60
N MET A 104 -9.21 7.93 -9.45
CA MET A 104 -8.15 8.80 -8.90
C MET A 104 -7.24 7.93 -8.05
N VAL A 105 -5.95 8.26 -8.04
CA VAL A 105 -4.93 7.76 -7.09
C VAL A 105 -4.21 8.99 -6.54
N SER A 106 -4.22 9.16 -5.22
CA SER A 106 -3.67 10.35 -4.52
C SER A 106 -2.46 9.94 -3.70
N GLU A 107 -1.26 10.46 -4.03
CA GLU A 107 -0.07 10.33 -3.15
C GLU A 107 -0.25 11.19 -1.91
N VAL A 108 -0.88 12.37 -2.04
CA VAL A 108 -1.04 13.34 -0.93
CA VAL A 108 -0.99 13.31 -0.90
C VAL A 108 -1.93 12.72 0.17
N ASN A 109 -3.01 12.05 -0.24
CA ASN A 109 -3.98 11.46 0.72
C ASN A 109 -3.71 9.97 0.92
N MET A 110 -2.76 9.40 0.17
CA MET A 110 -2.45 7.96 0.19
C MET A 110 -3.76 7.15 0.11
N ASP A 111 -4.47 7.34 -0.98
CA ASP A 111 -5.74 6.63 -1.23
C ASP A 111 -6.06 6.59 -2.71
N TYR A 112 -7.06 5.81 -3.06
CA TYR A 112 -7.55 5.68 -4.45
C TYR A 112 -9.07 5.55 -4.38
N THR A 113 -9.73 5.85 -5.48
CA THR A 113 -11.21 5.83 -5.58
C THR A 113 -11.57 4.79 -6.62
N LEU A 114 -12.38 3.81 -6.21
CA LEU A 114 -12.78 2.64 -7.02
C LEU A 114 -14.30 2.69 -7.16
N THR A 115 -14.83 2.41 -8.33
CA THR A 115 -16.29 2.17 -8.52
C THR A 115 -16.45 0.74 -8.99
N MET A 116 -17.35 0.01 -8.40
CA MET A 116 -17.49 -1.42 -8.71
C MET A 116 -18.93 -1.87 -8.56
N TYR A 117 -19.23 -2.98 -9.19
CA TYR A 117 -20.43 -3.77 -8.95
C TYR A 117 -20.03 -4.92 -8.02
N PHE A 118 -20.54 -4.88 -6.81
CA PHE A 118 -20.19 -5.80 -5.73
C PHE A 118 -21.31 -6.79 -5.58
N GLN A 119 -21.07 -8.06 -5.88
CA GLN A 119 -22.08 -9.14 -5.90
CA GLN A 119 -22.14 -9.06 -5.81
C GLN A 119 -21.84 -10.11 -4.73
N GLN A 120 -22.87 -10.42 -3.98
CA GLN A 120 -22.81 -11.45 -2.92
C GLN A 120 -23.83 -12.50 -3.23
N TYR A 121 -23.42 -13.77 -3.11
N TYR A 121 -23.52 -13.74 -2.87
CA TYR A 121 -24.27 -14.95 -3.30
CA TYR A 121 -24.26 -14.94 -3.28
C TYR A 121 -24.28 -15.75 -1.98
C TYR A 121 -24.28 -15.93 -2.11
N TRP A 122 -25.44 -16.17 -1.53
CA TRP A 122 -25.58 -17.10 -0.37
C TRP A 122 -26.89 -17.84 -0.50
N ARG A 123 -27.04 -18.88 0.30
CA ARG A 123 -28.31 -19.64 0.32
C ARG A 123 -29.06 -19.34 1.62
N ASP A 124 -30.32 -18.95 1.52
CA ASP A 124 -31.24 -18.81 2.67
C ASP A 124 -32.42 -19.75 2.41
N LYS A 125 -32.44 -20.90 3.06
CA LYS A 125 -33.49 -21.94 2.85
C LYS A 125 -34.90 -21.42 3.21
N ARG A 126 -34.99 -20.33 3.97
CA ARG A 126 -36.28 -19.67 4.29
C ARG A 126 -36.89 -19.06 3.01
N LEU A 127 -36.07 -18.83 1.97
CA LEU A 127 -36.53 -18.15 0.74
C LEU A 127 -36.71 -19.16 -0.40
N ALA A 128 -36.58 -20.46 -0.12
CA ALA A 128 -36.77 -21.51 -1.15
C ALA A 128 -38.25 -21.49 -1.59
N TYR A 129 -38.52 -21.63 -2.88
CA TYR A 129 -39.92 -21.62 -3.41
C TYR A 129 -40.06 -22.72 -4.44
N SER A 130 -41.27 -23.25 -4.56
CA SER A 130 -41.61 -24.36 -5.50
C SER A 130 -42.72 -23.90 -6.45
N GLY A 131 -42.88 -24.60 -7.57
CA GLY A 131 -43.98 -24.39 -8.52
C GLY A 131 -43.77 -23.18 -9.41
N ILE A 132 -42.56 -22.58 -9.42
CA ILE A 132 -42.17 -21.46 -10.32
C ILE A 132 -40.80 -21.81 -10.90
N PRO A 133 -40.71 -22.25 -12.18
CA PRO A 133 -39.42 -22.56 -12.81
C PRO A 133 -38.76 -21.30 -13.40
N LEU A 134 -38.64 -20.26 -12.56
CA LEU A 134 -37.98 -18.97 -12.89
C LEU A 134 -37.09 -18.59 -11.71
N ASN A 135 -36.09 -17.77 -11.99
CA ASN A 135 -35.39 -16.94 -10.99
C ASN A 135 -36.15 -15.62 -10.86
N LEU A 136 -36.54 -15.25 -9.65
CA LEU A 136 -37.35 -14.03 -9.39
C LEU A 136 -36.43 -12.83 -9.20
N THR A 137 -36.44 -11.88 -10.13
CA THR A 137 -35.85 -10.56 -9.89
C THR A 137 -36.91 -9.71 -9.23
N LEU A 138 -36.64 -9.23 -8.04
CA LEU A 138 -37.62 -8.48 -7.25
C LEU A 138 -37.19 -7.04 -7.21
N ASP A 139 -38.14 -6.14 -7.05
CA ASP A 139 -37.83 -4.72 -6.86
C ASP A 139 -36.87 -4.62 -5.69
N ASN A 140 -35.89 -3.71 -5.83
N ASN A 140 -35.83 -3.80 -5.77
CA ASN A 140 -34.70 -3.52 -4.95
CA ASN A 140 -34.70 -3.87 -4.80
C ASN A 140 -35.14 -3.37 -3.48
C ASN A 140 -35.08 -3.25 -3.43
N ARG A 141 -36.31 -2.77 -3.24
CA ARG A 141 -36.78 -2.38 -1.89
C ARG A 141 -37.02 -3.61 -1.01
N VAL A 142 -37.14 -4.81 -1.61
CA VAL A 142 -37.30 -6.07 -0.85
C VAL A 142 -36.03 -6.34 0.00
N ALA A 143 -34.86 -5.82 -0.39
CA ALA A 143 -33.60 -6.04 0.36
C ALA A 143 -33.76 -5.62 1.82
N ASP A 144 -34.62 -4.66 2.10
CA ASP A 144 -34.88 -4.14 3.47
C ASP A 144 -35.68 -5.15 4.31
N GLN A 145 -36.28 -6.17 3.70
CA GLN A 145 -37.07 -7.21 4.41
C GLN A 145 -36.28 -8.53 4.52
N LEU A 146 -35.03 -8.58 4.04
CA LEU A 146 -34.23 -9.83 4.02
C LEU A 146 -33.05 -9.66 4.95
N TRP A 147 -32.55 -10.76 5.46
CA TRP A 147 -31.20 -10.78 6.01
C TRP A 147 -30.22 -10.60 4.84
N VAL A 148 -29.21 -9.76 5.01
CA VAL A 148 -28.05 -9.70 4.08
C VAL A 148 -26.78 -9.72 4.92
N PRO A 149 -25.63 -10.15 4.35
CA PRO A 149 -24.37 -10.16 5.08
C PRO A 149 -23.97 -8.74 5.53
N ASP A 150 -23.19 -8.65 6.60
CA ASP A 150 -22.71 -7.36 7.14
C ASP A 150 -21.30 -7.09 6.59
N THR A 151 -21.14 -7.14 5.29
CA THR A 151 -19.84 -6.98 4.63
C THR A 151 -19.41 -5.51 4.67
N TYR A 152 -18.15 -5.24 4.94
CA TYR A 152 -17.61 -3.88 4.89
C TYR A 152 -16.21 -3.92 4.33
N PHE A 153 -15.70 -2.75 3.99
CA PHE A 153 -14.35 -2.56 3.43
C PHE A 153 -13.48 -1.93 4.50
N LEU A 154 -12.59 -2.73 5.06
CA LEU A 154 -11.83 -2.41 6.28
C LEU A 154 -10.90 -1.23 6.03
N ASN A 155 -10.42 -1.02 4.80
CA ASN A 155 -9.50 0.09 4.53
C ASN A 155 -10.23 1.19 3.78
N ASP A 156 -11.57 1.25 3.84
CA ASP A 156 -12.27 2.37 3.17
C ASP A 156 -12.25 3.60 4.08
N LYS A 157 -12.20 4.76 3.47
CA LYS A 157 -12.21 6.06 4.17
C LYS A 157 -13.61 6.63 4.07
N LYS A 158 -14.22 6.45 2.92
CA LYS A 158 -15.58 6.96 2.66
C LYS A 158 -16.12 6.16 1.48
N SER A 159 -17.31 5.54 1.61
N SER A 159 -17.38 5.82 1.51
CA SER A 159 -17.96 4.75 0.55
CA SER A 159 -17.98 5.06 0.40
C SER A 159 -19.45 5.13 0.46
C SER A 159 -19.44 5.39 0.34
N PHE A 160 -20.07 4.95 -0.72
CA PHE A 160 -21.54 5.10 -0.86
C PHE A 160 -22.03 4.14 -1.92
N VAL A 161 -23.27 3.76 -1.79
CA VAL A 161 -24.06 3.04 -2.82
C VAL A 161 -24.74 4.12 -3.68
N HIS A 162 -24.57 4.06 -4.98
CA HIS A 162 -25.20 5.03 -5.91
C HIS A 162 -26.72 4.98 -5.76
N GLY A 163 -27.38 6.14 -5.86
CA GLY A 163 -28.79 6.27 -5.49
C GLY A 163 -29.72 6.78 -6.58
N VAL A 164 -29.27 6.99 -7.81
CA VAL A 164 -30.16 7.51 -8.88
C VAL A 164 -30.28 6.44 -9.98
N THR A 165 -31.49 6.21 -10.53
CA THR A 165 -32.78 6.82 -10.14
C THR A 165 -33.39 6.14 -8.93
N VAL A 166 -32.86 5.00 -8.54
CA VAL A 166 -33.25 4.23 -7.34
C VAL A 166 -31.93 3.83 -6.70
N LYS A 167 -31.96 3.28 -5.52
CA LYS A 167 -30.73 2.69 -4.93
CA LYS A 167 -30.75 2.65 -4.92
C LYS A 167 -30.19 1.64 -5.92
N ASN A 168 -28.93 1.74 -6.26
CA ASN A 168 -28.33 0.86 -7.29
C ASN A 168 -28.07 -0.49 -6.61
N ARG A 169 -29.12 -1.28 -6.53
CA ARG A 169 -29.17 -2.54 -5.77
C ARG A 169 -30.03 -3.53 -6.56
N MET A 170 -29.67 -4.79 -6.55
CA MET A 170 -30.41 -5.85 -7.25
C MET A 170 -30.63 -6.97 -6.21
N ILE A 171 -31.76 -7.63 -6.30
CA ILE A 171 -32.07 -8.88 -5.57
C ILE A 171 -32.62 -9.86 -6.57
N ARG A 172 -31.98 -11.00 -6.72
CA ARG A 172 -32.49 -12.09 -7.55
C ARG A 172 -32.56 -13.35 -6.68
N LEU A 173 -33.74 -13.91 -6.54
CA LEU A 173 -33.98 -15.17 -5.82
C LEU A 173 -33.98 -16.34 -6.79
N HIS A 174 -33.57 -17.50 -6.30
CA HIS A 174 -33.53 -18.77 -7.06
C HIS A 174 -34.36 -19.77 -6.29
N PRO A 175 -34.98 -20.77 -6.96
CA PRO A 175 -35.89 -21.70 -6.29
C PRO A 175 -35.34 -22.41 -5.04
N ASP A 176 -34.04 -22.68 -4.98
CA ASP A 176 -33.41 -23.37 -3.82
C ASP A 176 -33.11 -22.39 -2.66
N GLY A 177 -33.48 -21.11 -2.77
CA GLY A 177 -33.23 -20.11 -1.71
C GLY A 177 -31.90 -19.39 -1.87
N THR A 178 -31.21 -19.57 -2.99
CA THR A 178 -30.02 -18.78 -3.32
C THR A 178 -30.43 -17.33 -3.61
N VAL A 179 -29.74 -16.40 -2.97
CA VAL A 179 -29.92 -14.95 -3.15
C VAL A 179 -28.71 -14.46 -3.89
N LEU A 180 -28.93 -13.70 -4.96
N LEU A 180 -28.91 -13.72 -4.98
CA LEU A 180 -27.90 -12.86 -5.58
CA LEU A 180 -27.88 -12.86 -5.58
C LEU A 180 -28.22 -11.41 -5.22
C LEU A 180 -28.21 -11.42 -5.22
N TYR A 181 -27.31 -10.75 -4.52
CA TYR A 181 -27.48 -9.39 -4.01
C TYR A 181 -26.36 -8.53 -4.59
N GLY A 182 -26.69 -7.53 -5.39
CA GLY A 182 -25.72 -6.69 -6.10
C GLY A 182 -25.83 -5.27 -5.66
N LEU A 183 -24.71 -4.57 -5.53
CA LEU A 183 -24.66 -3.13 -5.17
C LEU A 183 -23.68 -2.45 -6.09
N ARG A 184 -23.96 -1.21 -6.45
CA ARG A 184 -22.98 -0.39 -7.16
C ARG A 184 -22.39 0.61 -6.17
N ILE A 185 -21.11 0.50 -5.91
CA ILE A 185 -20.43 1.21 -4.80
C ILE A 185 -19.29 2.03 -5.36
N THR A 186 -19.12 3.25 -4.87
CA THR A 186 -17.88 4.00 -5.01
C THR A 186 -17.22 4.08 -3.64
N THR A 187 -15.95 3.71 -3.54
CA THR A 187 -15.19 3.67 -2.27
C THR A 187 -13.91 4.46 -2.48
N THR A 188 -13.56 5.35 -1.56
CA THR A 188 -12.19 5.85 -1.41
C THR A 188 -11.50 5.01 -0.36
N ALA A 189 -10.43 4.32 -0.73
CA ALA A 189 -9.77 3.33 0.13
C ALA A 189 -8.31 3.72 0.32
N ALA A 190 -7.81 3.49 1.51
CA ALA A 190 -6.43 3.78 1.91
C ALA A 190 -5.47 2.92 1.10
N CYS A 191 -4.41 3.52 0.61
CA CYS A 191 -3.25 2.80 0.02
CA CYS A 191 -3.25 2.77 0.06
C CYS A 191 -1.97 3.48 0.49
N MET A 192 -1.32 2.94 1.50
CA MET A 192 -0.03 3.46 1.99
C MET A 192 1.01 3.29 0.88
N MET A 193 1.66 4.34 0.47
CA MET A 193 2.61 4.27 -0.66
C MET A 193 4.04 4.45 -0.18
N ASP A 194 4.94 3.71 -0.80
CA ASP A 194 6.39 3.81 -0.58
C ASP A 194 6.95 4.73 -1.69
N LEU A 195 7.27 5.96 -1.37
CA LEU A 195 7.65 6.98 -2.40
C LEU A 195 9.17 7.14 -2.51
N ARG A 196 9.97 6.17 -2.04
CA ARG A 196 11.46 6.28 -2.10
C ARG A 196 11.96 6.31 -3.54
N ARG A 197 11.28 5.62 -4.46
CA ARG A 197 11.66 5.56 -5.89
C ARG A 197 10.79 6.47 -6.76
N TYR A 198 9.93 7.30 -6.16
CA TYR A 198 8.99 8.15 -6.89
C TYR A 198 9.76 9.15 -7.77
N PRO A 199 9.39 9.39 -9.06
CA PRO A 199 8.23 8.78 -9.73
C PRO A 199 8.50 7.54 -10.58
N LEU A 200 9.52 6.76 -10.24
CA LEU A 200 9.83 5.47 -10.90
C LEU A 200 9.39 4.32 -9.98
N ASP A 201 8.24 4.49 -9.32
CA ASP A 201 7.79 3.62 -8.20
C ASP A 201 6.70 2.65 -8.69
N GLU A 202 6.53 1.55 -7.97
CA GLU A 202 5.44 0.55 -8.16
C GLU A 202 4.68 0.47 -6.82
N GLN A 203 3.35 0.58 -6.83
CA GLN A 203 2.57 0.56 -5.56
C GLN A 203 1.69 -0.69 -5.56
N ASN A 204 1.35 -1.16 -4.37
CA ASN A 204 0.41 -2.28 -4.17
C ASN A 204 -0.80 -1.73 -3.41
N CYS A 205 -1.91 -1.54 -4.10
CA CYS A 205 -3.15 -1.01 -3.48
CA CYS A 205 -3.17 -0.99 -3.51
C CYS A 205 -4.17 -2.15 -3.34
N THR A 206 -4.79 -2.25 -2.16
CA THR A 206 -5.68 -3.39 -1.82
C THR A 206 -7.07 -2.87 -1.51
N LEU A 207 -8.02 -3.77 -1.58
CA LEU A 207 -9.36 -3.60 -0.99
C LEU A 207 -9.58 -4.77 -0.06
N GLU A 208 -9.76 -4.51 1.23
CA GLU A 208 -9.89 -5.55 2.27
C GLU A 208 -11.38 -5.70 2.59
N ILE A 209 -11.93 -6.88 2.39
CA ILE A 209 -13.37 -7.16 2.52
C ILE A 209 -13.56 -8.06 3.73
N GLU A 210 -14.44 -7.70 4.64
CA GLU A 210 -14.56 -8.43 5.91
C GLU A 210 -16.01 -8.42 6.38
N SER A 211 -16.35 -9.36 7.25
CA SER A 211 -17.62 -9.37 8.00
C SER A 211 -17.48 -8.44 9.21
N TYR A 212 -18.42 -7.54 9.43
CA TYR A 212 -18.26 -6.56 10.53
C TYR A 212 -18.41 -7.28 11.88
N GLY A 213 -19.49 -7.99 12.08
CA GLY A 213 -19.92 -8.52 13.39
C GLY A 213 -19.96 -10.04 13.46
N TYR A 214 -20.08 -10.74 12.33
CA TYR A 214 -20.13 -12.23 12.32
C TYR A 214 -18.73 -12.80 12.24
N THR A 215 -18.40 -13.70 13.15
CA THR A 215 -17.14 -14.44 13.15
C THR A 215 -17.24 -15.59 12.15
N THR A 216 -16.16 -16.33 11.97
CA THR A 216 -16.10 -17.52 11.10
C THR A 216 -16.93 -18.68 11.64
N ASP A 217 -17.42 -18.63 12.88
CA ASP A 217 -18.47 -19.58 13.37
C ASP A 217 -19.81 -19.34 12.65
N ASP A 218 -20.07 -18.13 12.16
CA ASP A 218 -21.38 -17.72 11.61
C ASP A 218 -21.32 -17.47 10.09
N ILE A 219 -20.15 -17.13 9.57
N ILE A 219 -20.24 -16.85 9.58
CA ILE A 219 -20.05 -16.70 8.15
CA ILE A 219 -20.09 -16.49 8.11
C ILE A 219 -18.68 -17.09 7.62
C ILE A 219 -18.71 -16.91 7.59
N GLU A 220 -18.65 -17.50 6.38
CA GLU A 220 -17.42 -17.75 5.62
C GLU A 220 -17.53 -17.03 4.28
N PHE A 221 -16.44 -16.48 3.80
CA PHE A 221 -16.36 -15.79 2.49
C PHE A 221 -15.55 -16.65 1.54
N TYR A 222 -15.86 -16.58 0.24
CA TYR A 222 -15.01 -17.15 -0.82
C TYR A 222 -15.16 -16.27 -2.06
N TRP A 223 -14.14 -16.29 -2.90
CA TRP A 223 -14.17 -15.68 -4.23
C TRP A 223 -14.95 -16.60 -5.17
N ARG A 224 -16.13 -16.19 -5.61
CA ARG A 224 -17.00 -17.04 -6.43
C ARG A 224 -16.48 -17.09 -7.86
N GLY A 225 -16.00 -18.25 -8.30
CA GLY A 225 -15.28 -18.45 -9.57
C GLY A 225 -13.77 -18.47 -9.38
N GLY A 226 -13.28 -18.42 -8.13
CA GLY A 226 -11.85 -18.40 -7.79
C GLY A 226 -11.14 -17.22 -8.42
N ASP A 227 -10.16 -17.45 -9.29
CA ASP A 227 -9.29 -16.38 -9.86
C ASP A 227 -10.04 -15.58 -10.93
N LYS A 228 -11.26 -15.98 -11.34
CA LYS A 228 -12.11 -15.23 -12.29
C LYS A 228 -13.22 -14.44 -11.56
N ALA A 229 -13.20 -14.39 -10.24
CA ALA A 229 -14.23 -13.72 -9.43
C ALA A 229 -14.19 -12.21 -9.66
N VAL A 230 -13.08 -11.66 -10.12
CA VAL A 230 -12.98 -10.19 -10.33
C VAL A 230 -12.81 -9.92 -11.81
N THR A 231 -13.73 -9.16 -12.40
CA THR A 231 -13.70 -8.78 -13.83
C THR A 231 -13.52 -7.29 -13.95
N GLY A 232 -13.18 -6.83 -15.16
CA GLY A 232 -13.14 -5.41 -15.50
C GLY A 232 -11.82 -4.76 -15.16
N VAL A 233 -10.77 -5.53 -14.87
CA VAL A 233 -9.45 -4.90 -14.59
C VAL A 233 -8.93 -4.18 -15.85
N GLU A 234 -9.32 -4.65 -17.04
CA GLU A 234 -8.94 -4.02 -18.35
C GLU A 234 -9.61 -2.65 -18.53
N ARG A 235 -10.70 -2.36 -17.79
CA ARG A 235 -11.43 -1.08 -17.91
C ARG A 235 -10.67 0.03 -17.23
N ILE A 236 -9.80 -0.29 -16.27
CA ILE A 236 -9.09 0.73 -15.48
C ILE A 236 -8.21 1.54 -16.45
N GLU A 237 -8.42 2.85 -16.47
CA GLU A 237 -7.75 3.82 -17.37
C GLU A 237 -7.25 4.98 -16.53
N LEU A 238 -6.12 4.78 -15.88
CA LEU A 238 -5.42 5.84 -15.13
C LEU A 238 -4.36 6.42 -16.06
N PRO A 239 -4.36 7.74 -16.38
CA PRO A 239 -3.33 8.31 -17.26
C PRO A 239 -1.91 8.05 -16.72
N GLN A 240 -1.74 8.14 -15.41
CA GLN A 240 -0.43 8.13 -14.71
C GLN A 240 0.01 6.71 -14.33
N PHE A 241 -0.83 5.68 -14.46
CA PHE A 241 -0.48 4.30 -14.02
C PHE A 241 -0.91 3.26 -15.02
N SER A 242 -0.16 2.17 -15.08
CA SER A 242 -0.59 0.90 -15.68
C SER A 242 -0.80 -0.14 -14.57
N ILE A 243 -1.85 -0.96 -14.68
CA ILE A 243 -2.08 -2.12 -13.79
C ILE A 243 -1.23 -3.28 -14.30
N VAL A 244 -0.22 -3.66 -13.57
CA VAL A 244 0.72 -4.74 -13.93
C VAL A 244 0.03 -6.10 -13.69
N GLU A 245 -0.65 -6.23 -12.55
CA GLU A 245 -1.17 -7.52 -12.03
C GLU A 245 -2.29 -7.24 -11.02
N HIS A 246 -3.21 -8.16 -10.85
CA HIS A 246 -4.13 -8.18 -9.69
C HIS A 246 -4.13 -9.57 -9.08
N ARG A 247 -4.37 -9.65 -7.79
CA ARG A 247 -4.41 -10.93 -7.06
C ARG A 247 -5.61 -10.96 -6.13
N LEU A 248 -6.12 -12.15 -5.89
CA LEU A 248 -7.25 -12.43 -4.99
C LEU A 248 -6.72 -13.30 -3.88
N VAL A 249 -6.97 -12.91 -2.64
CA VAL A 249 -6.52 -13.66 -1.45
C VAL A 249 -7.73 -13.91 -0.58
N SER A 250 -7.69 -14.99 0.18
CA SER A 250 -8.72 -15.36 1.19
C SER A 250 -8.01 -15.76 2.47
N ARG A 251 -8.42 -15.25 3.62
CA ARG A 251 -7.83 -15.68 4.92
C ARG A 251 -8.77 -15.36 6.06
N ASN A 252 -8.43 -15.81 7.24
CA ASN A 252 -9.12 -15.48 8.50
C ASN A 252 -8.22 -14.51 9.25
N VAL A 253 -8.82 -13.52 9.86
N VAL A 253 -8.81 -13.48 9.86
CA VAL A 253 -8.11 -12.50 10.65
CA VAL A 253 -8.09 -12.47 10.66
C VAL A 253 -8.63 -12.59 12.09
C VAL A 253 -8.64 -12.48 12.08
N VAL A 254 -7.73 -12.55 13.07
CA VAL A 254 -8.11 -12.68 14.49
C VAL A 254 -8.01 -11.32 15.15
N PHE A 255 -9.06 -10.96 15.86
CA PHE A 255 -9.13 -9.79 16.76
C PHE A 255 -9.55 -10.29 18.14
N ALA A 256 -9.59 -9.40 19.13
CA ALA A 256 -10.03 -9.72 20.52
C ALA A 256 -11.47 -10.28 20.53
N THR A 257 -12.34 -9.86 19.61
CA THR A 257 -13.77 -10.31 19.56
C THR A 257 -13.93 -11.62 18.78
N GLY A 258 -12.87 -12.13 18.12
CA GLY A 258 -12.89 -13.45 17.46
C GLY A 258 -12.20 -13.44 16.09
N ALA A 259 -12.36 -14.53 15.35
CA ALA A 259 -11.79 -14.75 14.00
C ALA A 259 -12.84 -14.35 12.95
N TYR A 260 -12.45 -13.55 11.97
CA TYR A 260 -13.37 -13.01 10.95
C TYR A 260 -12.89 -13.42 9.56
N PRO A 261 -13.82 -13.69 8.63
CA PRO A 261 -13.44 -13.99 7.26
C PRO A 261 -12.97 -12.73 6.56
N ARG A 262 -11.95 -12.86 5.72
CA ARG A 262 -11.37 -11.75 4.98
C ARG A 262 -11.18 -12.19 3.52
N LEU A 263 -11.50 -11.32 2.59
CA LEU A 263 -11.06 -11.44 1.20
C LEU A 263 -10.27 -10.19 0.89
N SER A 264 -9.20 -10.33 0.12
N SER A 264 -9.25 -10.31 0.05
CA SER A 264 -8.37 -9.18 -0.32
CA SER A 264 -8.38 -9.17 -0.30
C SER A 264 -8.28 -9.21 -1.84
C SER A 264 -8.15 -9.17 -1.82
N LEU A 265 -8.51 -8.06 -2.46
CA LEU A 265 -8.23 -7.80 -3.89
C LEU A 265 -7.07 -6.84 -3.92
N SER A 266 -6.00 -7.16 -4.60
CA SER A 266 -4.84 -6.24 -4.68
C SER A 266 -4.45 -6.00 -6.14
N PHE A 267 -3.93 -4.80 -6.38
N PHE A 267 -3.97 -4.79 -6.43
CA PHE A 267 -3.47 -4.30 -7.69
CA PHE A 267 -3.54 -4.32 -7.78
C PHE A 267 -2.01 -3.93 -7.53
C PHE A 267 -2.12 -3.74 -7.68
N ARG A 268 -1.22 -4.17 -8.56
CA ARG A 268 0.14 -3.59 -8.69
C ARG A 268 0.08 -2.49 -9.74
N LEU A 269 0.38 -1.25 -9.34
N LEU A 269 0.22 -1.25 -9.28
CA LEU A 269 0.25 -0.03 -10.19
CA LEU A 269 0.32 -0.04 -10.14
C LEU A 269 1.64 0.51 -10.49
C LEU A 269 1.78 0.15 -10.51
N LYS A 270 2.06 0.49 -11.76
CA LYS A 270 3.38 0.97 -12.22
C LYS A 270 3.22 2.39 -12.76
N ARG A 271 3.90 3.36 -12.17
CA ARG A 271 3.76 4.78 -12.58
C ARG A 271 4.36 4.96 -13.98
N ASN A 272 3.65 5.65 -14.85
CA ASN A 272 4.15 6.08 -16.20
C ASN A 272 5.05 7.32 -16.02
N ILE A 273 6.28 7.27 -16.53
CA ILE A 273 7.32 8.35 -16.34
C ILE A 273 6.98 9.62 -17.17
N GLY A 274 6.27 9.50 -18.30
CA GLY A 274 6.16 10.54 -19.35
C GLY A 274 5.81 11.93 -18.82
N TYR A 275 4.82 12.04 -17.93
CA TYR A 275 4.37 13.33 -17.36
C TYR A 275 5.55 14.01 -16.65
N PHE A 276 6.37 13.23 -15.95
CA PHE A 276 7.49 13.71 -15.08
C PHE A 276 8.67 14.17 -15.94
N ILE A 277 8.96 13.46 -17.02
CA ILE A 277 9.96 13.91 -18.05
C ILE A 277 9.61 15.33 -18.47
N LEU A 278 8.34 15.61 -18.76
CA LEU A 278 7.88 16.89 -19.33
C LEU A 278 7.80 17.95 -18.23
N GLN A 279 7.36 17.58 -17.03
CA GLN A 279 7.00 18.54 -15.97
C GLN A 279 8.24 18.98 -15.18
N THR A 280 9.19 18.07 -14.91
N THR A 280 9.20 18.07 -14.94
CA THR A 280 10.30 18.29 -13.93
CA THR A 280 10.26 18.23 -13.90
C THR A 280 11.66 17.98 -14.55
C THR A 280 11.66 17.93 -14.45
N TYR A 281 11.88 16.77 -15.08
CA TYR A 281 13.23 16.34 -15.51
C TYR A 281 13.75 17.24 -16.65
N MET A 282 12.95 17.47 -17.70
CA MET A 282 13.41 18.25 -18.88
C MET A 282 13.67 19.71 -18.47
N PRO A 283 12.76 20.40 -17.73
CA PRO A 283 13.06 21.75 -17.25
C PRO A 283 14.37 21.88 -16.46
N SER A 284 14.63 20.92 -15.56
N SER A 284 14.66 20.90 -15.58
CA SER A 284 15.85 20.87 -14.74
CA SER A 284 15.86 20.89 -14.73
C SER A 284 17.07 20.71 -15.65
C SER A 284 17.11 20.64 -15.60
N ILE A 285 16.99 19.84 -16.66
CA ILE A 285 18.09 19.61 -17.63
C ILE A 285 18.35 20.91 -18.41
N LEU A 286 17.30 21.60 -18.82
CA LEU A 286 17.42 22.83 -19.66
C LEU A 286 18.02 23.98 -18.81
N ILE A 287 17.67 24.07 -17.53
CA ILE A 287 18.27 25.09 -16.61
C ILE A 287 19.74 24.77 -16.43
N THR A 288 20.11 23.49 -16.30
CA THR A 288 21.51 23.08 -16.10
C THR A 288 22.31 23.41 -17.36
N ILE A 289 21.76 23.17 -18.54
CA ILE A 289 22.42 23.51 -19.83
C ILE A 289 22.58 25.05 -19.91
N LEU A 290 21.54 25.82 -19.54
CA LEU A 290 21.56 27.31 -19.53
C LEU A 290 22.74 27.80 -18.69
N SER A 291 23.02 27.15 -17.55
CA SER A 291 24.10 27.54 -16.62
C SER A 291 25.47 27.48 -17.35
N TRP A 292 25.62 26.59 -18.34
CA TRP A 292 26.91 26.37 -19.04
C TRP A 292 27.19 27.50 -20.04
N VAL A 293 26.16 28.19 -20.51
CA VAL A 293 26.30 29.34 -21.44
C VAL A 293 27.34 30.31 -20.86
N SER A 294 27.36 30.45 -19.54
CA SER A 294 28.31 31.32 -18.80
C SER A 294 29.75 31.06 -19.25
N PHE A 295 30.14 29.81 -19.51
CA PHE A 295 31.55 29.43 -19.77
C PHE A 295 32.02 29.97 -21.13
N TRP A 296 31.10 30.36 -22.02
CA TRP A 296 31.43 30.91 -23.37
CA TRP A 296 31.39 30.90 -23.38
C TRP A 296 31.37 32.45 -23.36
N ILE A 297 30.93 33.05 -22.26
CA ILE A 297 30.80 34.53 -22.13
CA ILE A 297 30.83 34.53 -22.16
C ILE A 297 32.15 35.07 -21.61
N ASN A 298 32.59 36.21 -22.14
CA ASN A 298 33.85 36.88 -21.73
CA ASN A 298 33.86 36.87 -21.73
C ASN A 298 33.87 37.01 -20.20
N TYR A 299 35.02 36.76 -19.58
CA TYR A 299 35.12 36.82 -18.09
C TYR A 299 34.99 38.26 -17.56
N ASP A 300 35.10 39.27 -18.41
CA ASP A 300 34.91 40.69 -18.00
C ASP A 300 33.40 41.01 -17.87
N ALA A 301 32.53 40.19 -18.47
CA ALA A 301 31.05 40.39 -18.42
C ALA A 301 30.52 39.90 -17.06
N SER A 302 30.90 40.56 -15.97
CA SER A 302 30.63 40.09 -14.59
C SER A 302 29.12 40.08 -14.34
N ALA A 303 28.42 41.14 -14.72
CA ALA A 303 26.95 41.23 -14.49
C ALA A 303 26.26 40.09 -15.24
N ALA A 304 26.66 39.84 -16.48
CA ALA A 304 26.03 38.81 -17.33
C ALA A 304 26.25 37.42 -16.70
N ARG A 305 27.48 37.11 -16.30
CA ARG A 305 27.83 35.75 -15.82
C ARG A 305 27.28 35.53 -14.42
N VAL A 306 27.24 36.54 -13.58
CA VAL A 306 26.64 36.39 -12.24
C VAL A 306 25.12 36.26 -12.40
N ALA A 307 24.51 36.98 -13.35
CA ALA A 307 23.06 36.89 -13.61
C ALA A 307 22.70 35.46 -14.04
N LEU A 308 23.48 34.87 -14.95
CA LEU A 308 23.23 33.47 -15.39
C LEU A 308 23.30 32.55 -14.18
N GLY A 309 24.32 32.74 -13.34
CA GLY A 309 24.55 31.94 -12.13
C GLY A 309 23.40 32.04 -11.16
N ILE A 310 22.97 33.26 -10.84
CA ILE A 310 21.87 33.51 -9.84
C ILE A 310 20.60 32.87 -10.37
N THR A 311 20.22 33.21 -11.59
CA THR A 311 18.89 32.86 -12.15
C THR A 311 18.77 31.32 -12.20
N THR A 312 19.84 30.62 -12.57
CA THR A 312 19.82 29.14 -12.69
C THR A 312 19.77 28.51 -11.29
N VAL A 313 20.56 29.03 -10.34
CA VAL A 313 20.59 28.51 -8.93
C VAL A 313 19.20 28.68 -8.31
N LEU A 314 18.59 29.87 -8.43
CA LEU A 314 17.28 30.18 -7.79
C LEU A 314 16.14 29.45 -8.50
N THR A 315 16.19 29.31 -9.83
CA THR A 315 15.17 28.54 -10.59
C THR A 315 15.20 27.07 -10.13
N MET A 316 16.38 26.53 -9.87
CA MET A 316 16.53 25.12 -9.43
C MET A 316 15.97 24.95 -8.00
N THR A 317 16.00 26.00 -7.17
CA THR A 317 15.40 25.99 -5.81
C THR A 317 13.87 26.02 -5.92
N THR A 318 13.31 26.85 -6.79
CA THR A 318 11.84 26.98 -7.01
C THR A 318 11.27 25.66 -7.53
N ILE A 319 12.00 24.94 -8.40
CA ILE A 319 11.56 23.64 -8.97
C ILE A 319 11.47 22.61 -7.82
N ASN A 320 12.50 22.57 -6.96
CA ASN A 320 12.59 21.64 -5.80
C ASN A 320 11.39 21.87 -4.86
N THR A 321 11.21 23.10 -4.39
CA THR A 321 10.21 23.46 -3.34
C THR A 321 8.78 23.24 -3.88
N HIS A 322 8.53 23.63 -5.13
CA HIS A 322 7.25 23.40 -5.86
C HIS A 322 6.89 21.91 -5.87
N LEU A 323 7.85 21.06 -6.25
CA LEU A 323 7.66 19.58 -6.42
C LEU A 323 7.13 18.98 -5.11
N ARG A 324 7.74 19.29 -3.97
CA ARG A 324 7.44 18.63 -2.66
C ARG A 324 6.10 19.14 -2.10
N GLU A 325 5.53 20.22 -2.68
CA GLU A 325 4.17 20.72 -2.37
C GLU A 325 3.11 19.88 -3.11
N THR A 326 3.50 19.01 -4.04
CA THR A 326 2.60 18.07 -4.78
C THR A 326 2.50 16.73 -4.04
N LEU A 327 3.24 16.54 -2.93
CA LEU A 327 3.46 15.22 -2.29
C LEU A 327 3.18 15.31 -0.80
N PRO A 328 2.97 14.17 -0.10
CA PRO A 328 2.78 14.19 1.35
C PRO A 328 4.11 14.57 2.04
N LYS A 329 4.03 15.00 3.30
CA LYS A 329 5.18 15.54 4.07
C LYS A 329 5.99 14.38 4.65
N ILE A 330 6.60 13.63 3.75
CA ILE A 330 7.43 12.46 4.10
C ILE A 330 8.81 12.96 4.56
N PRO A 331 9.45 12.28 5.51
CA PRO A 331 10.76 12.72 6.01
C PRO A 331 11.97 12.21 5.20
N TYR A 332 11.75 11.38 4.15
CA TYR A 332 12.84 10.74 3.36
C TYR A 332 12.94 11.39 1.98
N VAL A 333 14.03 11.10 1.28
CA VAL A 333 14.36 11.61 -0.09
C VAL A 333 13.75 10.67 -1.12
N THR A 334 13.08 11.25 -2.13
CA THR A 334 12.56 10.53 -3.28
C THR A 334 13.59 10.53 -4.41
N LYS A 334 13.06 11.23 -2.11
CA LYS A 334 12.55 10.48 -3.29
C LYS A 334 13.62 10.49 -4.38
N ALA A 335 13.37 9.73 -5.46
CA ALA A 335 14.27 9.68 -6.60
C ALA A 335 14.32 11.04 -7.30
N ILE A 336 13.18 11.70 -7.47
CA ILE A 336 13.14 13.01 -8.18
C ILE A 336 13.90 14.06 -7.36
N ASP A 337 13.79 14.03 -6.02
CA ASP A 337 14.57 14.91 -5.11
C ASP A 337 16.07 14.71 -5.36
N MET A 338 16.50 13.46 -5.54
CA MET A 338 17.93 13.12 -5.78
C MET A 338 18.39 13.76 -7.10
N TYR A 339 17.55 13.72 -8.13
CA TYR A 339 17.88 14.32 -9.44
C TYR A 339 18.05 15.84 -9.29
N LEU A 340 17.07 16.50 -8.65
CA LEU A 340 17.03 17.98 -8.48
C LEU A 340 18.20 18.44 -7.61
N MET A 341 18.60 17.66 -6.60
CA MET A 341 19.75 17.98 -5.72
C MET A 341 21.06 17.88 -6.51
N GLY A 342 21.19 16.89 -7.39
CA GLY A 342 22.33 16.77 -8.31
C GLY A 342 22.39 17.97 -9.25
N CYS A 343 21.26 18.37 -9.84
CA CYS A 343 21.21 19.50 -10.80
C CYS A 343 21.58 20.78 -10.06
N PHE A 344 21.13 20.91 -8.82
CA PHE A 344 21.44 22.06 -7.96
C PHE A 344 22.96 22.17 -7.78
N VAL A 345 23.63 21.05 -7.51
CA VAL A 345 25.10 21.05 -7.27
C VAL A 345 25.80 21.50 -8.56
N PHE A 346 25.34 21.05 -9.71
CA PHE A 346 25.93 21.44 -11.01
C PHE A 346 25.81 22.96 -11.20
N VAL A 347 24.61 23.52 -11.00
CA VAL A 347 24.39 24.95 -11.35
C VAL A 347 25.11 25.81 -10.31
N PHE A 348 25.18 25.37 -9.06
CA PHE A 348 25.91 26.09 -7.99
C PHE A 348 27.41 26.10 -8.29
N LEU A 349 27.98 24.98 -8.74
CA LEU A 349 29.41 24.89 -9.11
C LEU A 349 29.72 25.76 -10.35
N ALA A 350 28.79 25.92 -11.28
CA ALA A 350 28.98 26.78 -12.48
C ALA A 350 29.15 28.23 -12.03
N LEU A 351 28.37 28.67 -11.05
CA LEU A 351 28.51 30.04 -10.48
C LEU A 351 29.83 30.16 -9.71
N LEU A 352 30.20 29.17 -8.90
CA LEU A 352 31.48 29.20 -8.13
C LEU A 352 32.67 29.20 -9.10
N GLU A 353 32.55 28.54 -10.24
CA GLU A 353 33.59 28.58 -11.29
C GLU A 353 33.82 30.05 -11.70
N TYR A 354 32.75 30.83 -11.89
CA TYR A 354 32.91 32.25 -12.31
C TYR A 354 33.54 33.05 -11.18
N ALA A 355 33.09 32.82 -9.95
CA ALA A 355 33.68 33.48 -8.75
C ALA A 355 35.18 33.22 -8.71
N PHE A 356 35.61 32.00 -9.01
CA PHE A 356 37.04 31.62 -9.02
C PHE A 356 37.76 32.37 -10.15
N VAL A 357 37.19 32.36 -11.36
CA VAL A 357 37.73 33.07 -12.55
C VAL A 357 37.81 34.59 -12.25
N ASN A 358 36.73 35.17 -11.74
CA ASN A 358 36.65 36.63 -11.42
C ASN A 358 37.78 36.98 -10.45
N TYR A 359 37.98 36.13 -9.45
CA TYR A 359 38.94 36.33 -8.35
C TYR A 359 40.39 36.36 -8.88
N ILE A 360 40.72 35.63 -9.96
CA ILE A 360 42.15 35.41 -10.41
C ILE A 360 42.46 36.08 -11.75
N PHE A 361 41.47 36.52 -12.56
CA PHE A 361 41.72 36.85 -14.00
C PHE A 361 42.59 38.11 -14.14
N PHE A 362 42.59 39.01 -13.14
CA PHE A 362 43.45 40.24 -13.13
C PHE A 362 44.92 39.82 -13.09
N SER A 363 45.32 39.08 -12.06
CA SER A 363 46.71 38.61 -11.81
C SER A 363 47.10 37.50 -12.81
N GLN A 364 46.19 36.55 -13.07
CA GLN A 364 46.49 35.27 -13.79
C GLN A 364 45.51 35.07 -14.95
N PRO A 365 45.51 35.96 -15.97
CA PRO A 365 44.53 35.89 -17.05
C PRO A 365 44.56 34.59 -17.87
N ALA A 366 45.71 33.89 -17.89
CA ALA A 366 45.91 32.64 -18.68
C ALA A 366 45.29 31.45 -17.93
N ARG A 367 45.51 31.37 -16.61
CA ARG A 367 44.90 30.34 -15.73
C ARG A 367 43.36 30.49 -15.80
N ALA A 368 42.85 31.73 -15.71
CA ALA A 368 41.41 32.07 -15.78
C ALA A 368 40.82 31.56 -17.10
N ALA A 369 41.50 31.85 -18.21
CA ALA A 369 41.10 31.42 -19.58
C ALA A 369 41.06 29.89 -19.68
N ALA A 370 42.04 29.20 -19.04
CA ALA A 370 42.15 27.75 -19.09
C ALA A 370 40.98 27.10 -18.35
N ILE A 371 40.59 27.66 -17.20
CA ILE A 371 39.49 27.15 -16.33
C ILE A 371 38.17 27.24 -17.11
N ASP A 372 37.91 28.33 -17.84
CA ASP A 372 36.69 28.46 -18.68
C ASP A 372 36.73 27.38 -19.75
N ARG A 373 37.88 27.17 -20.39
CA ARG A 373 38.06 26.20 -21.50
C ARG A 373 37.74 24.77 -20.99
N TRP A 374 38.34 24.42 -19.84
CA TRP A 374 38.15 23.13 -19.12
CA TRP A 374 38.14 23.10 -19.20
C TRP A 374 36.66 22.93 -18.79
N SER A 375 36.01 23.98 -18.28
CA SER A 375 34.60 23.93 -17.79
C SER A 375 33.67 23.60 -18.96
N ARG A 376 33.97 24.08 -20.15
CA ARG A 376 33.12 23.88 -21.35
C ARG A 376 33.01 22.39 -21.68
N ILE A 377 34.01 21.58 -21.33
CA ILE A 377 34.00 20.11 -21.63
C ILE A 377 33.58 19.35 -20.37
N VAL A 378 34.12 19.71 -19.22
CA VAL A 378 33.99 18.92 -17.96
C VAL A 378 32.55 19.00 -17.42
N PHE A 379 31.86 20.14 -17.52
CA PHE A 379 30.48 20.26 -16.97
C PHE A 379 29.55 19.35 -17.78
N PRO A 380 29.49 19.46 -19.12
CA PRO A 380 28.62 18.60 -19.92
C PRO A 380 28.94 17.11 -19.77
N PHE A 381 30.22 16.77 -19.68
CA PHE A 381 30.70 15.37 -19.55
C PHE A 381 30.24 14.78 -18.21
N THR A 382 30.44 15.51 -17.12
N THR A 382 30.53 15.47 -17.10
CA THR A 382 30.17 15.05 -15.74
CA THR A 382 30.16 15.07 -15.72
C THR A 382 28.66 15.08 -15.46
C THR A 382 28.63 14.95 -15.62
N PHE A 383 27.89 15.90 -16.19
CA PHE A 383 26.40 15.89 -16.14
C PHE A 383 25.87 14.66 -16.89
N SER A 384 26.52 14.30 -17.99
CA SER A 384 26.19 13.09 -18.80
C SER A 384 26.43 11.83 -17.96
N LEU A 385 27.57 11.77 -17.27
CA LEU A 385 27.93 10.68 -16.33
C LEU A 385 26.86 10.59 -15.22
N PHE A 386 26.51 11.72 -14.61
CA PHE A 386 25.51 11.81 -13.53
C PHE A 386 24.19 11.19 -14.03
N ASN A 387 23.76 11.57 -15.22
CA ASN A 387 22.49 11.09 -15.81
C ASN A 387 22.57 9.58 -16.07
N LEU A 388 23.72 9.09 -16.58
CA LEU A 388 23.91 7.66 -16.90
C LEU A 388 23.70 6.82 -15.63
N VAL A 389 24.40 7.19 -14.56
CA VAL A 389 24.37 6.50 -13.24
C VAL A 389 22.94 6.55 -12.67
N TYR A 390 22.29 7.72 -12.70
CA TYR A 390 20.94 7.94 -12.12
C TYR A 390 19.93 7.00 -12.80
N TRP A 391 19.84 7.08 -14.13
CA TRP A 391 18.78 6.43 -14.92
C TRP A 391 19.03 4.90 -14.97
N LEU A 392 20.27 4.45 -14.76
CA LEU A 392 20.59 2.99 -14.65
C LEU A 392 20.11 2.47 -13.30
N TYR A 393 20.36 3.20 -12.22
CA TYR A 393 20.00 2.82 -10.83
C TYR A 393 18.48 2.69 -10.68
N TYR A 394 17.70 3.58 -11.31
CA TYR A 394 16.23 3.75 -11.05
C TYR A 394 15.37 3.13 -12.16
N VAL A 395 15.88 2.99 -13.39
CA VAL A 395 15.21 2.23 -14.49
C VAL A 395 15.90 0.87 -14.62
N GLN B 1 6.69 -10.81 0.18
CA GLN B 1 7.83 -11.79 0.16
C GLN B 1 8.96 -11.29 1.08
N VAL B 2 8.99 -11.78 2.32
CA VAL B 2 9.95 -11.39 3.39
C VAL B 2 10.71 -12.63 3.87
N GLN B 3 12.01 -12.49 4.12
CA GLN B 3 12.88 -13.53 4.73
C GLN B 3 13.39 -13.01 6.08
N LEU B 4 13.32 -13.84 7.13
CA LEU B 4 13.73 -13.50 8.51
C LEU B 4 14.75 -14.55 8.99
N VAL B 5 15.92 -14.09 9.42
CA VAL B 5 17.00 -14.93 10.04
C VAL B 5 17.28 -14.36 11.43
N GLU B 6 17.17 -15.21 12.47
CA GLU B 6 17.40 -14.81 13.89
C GLU B 6 18.65 -15.52 14.42
N SER B 7 19.35 -14.86 15.35
CA SER B 7 20.63 -15.34 15.96
C SER B 7 20.84 -14.66 17.33
N GLY B 8 21.75 -15.21 18.13
CA GLY B 8 22.07 -14.73 19.50
C GLY B 8 21.19 -15.39 20.55
N GLY B 9 20.93 -16.70 20.41
CA GLY B 9 20.20 -17.53 21.40
C GLY B 9 21.16 -18.21 22.35
N GLY B 10 21.42 -19.51 22.13
CA GLY B 10 22.43 -20.30 22.86
C GLY B 10 21.97 -20.69 24.25
N LEU B 11 22.90 -21.22 25.07
CA LEU B 11 22.64 -21.76 26.44
C LEU B 11 23.44 -20.96 27.46
N VAL B 12 22.78 -20.49 28.53
CA VAL B 12 23.38 -19.71 29.66
C VAL B 12 22.83 -20.25 30.99
N GLN B 13 23.31 -19.71 32.11
CA GLN B 13 22.85 -20.06 33.49
C GLN B 13 21.56 -19.29 33.79
N GLY B 403 21.47 -13.16 34.17
CA GLY B 403 22.27 -12.97 32.94
C GLY B 403 21.50 -12.22 31.85
N SER B 404 22.19 -11.38 31.09
CA SER B 404 21.63 -10.58 29.95
C SER B 404 21.96 -11.26 28.62
N LEU B 405 20.99 -11.29 27.70
CA LEU B 405 21.12 -11.88 26.33
C LEU B 405 20.47 -10.93 25.30
N ARG B 406 20.92 -11.01 24.04
CA ARG B 406 20.39 -10.21 22.90
C ARG B 406 20.17 -11.14 21.71
N LEU B 407 18.94 -11.64 21.56
CA LEU B 407 18.42 -12.23 20.28
C LEU B 407 18.28 -11.11 19.26
N SER B 408 18.61 -11.40 17.99
CA SER B 408 18.47 -10.49 16.82
C SER B 408 17.70 -11.20 15.71
N CYS B 409 17.01 -10.43 14.86
CA CYS B 409 16.10 -10.89 13.78
C CYS B 409 16.27 -9.97 12.56
N ALA B 410 16.90 -10.49 11.51
CA ALA B 410 17.31 -9.73 10.30
C ALA B 410 16.33 -10.03 9.17
N ALA B 411 15.66 -9.00 8.64
CA ALA B 411 14.63 -9.08 7.58
C ALA B 411 15.22 -8.64 6.24
N SER B 412 14.67 -9.17 5.14
CA SER B 412 15.01 -8.80 3.74
C SER B 412 13.81 -9.06 2.82
N GLY B 413 13.62 -8.19 1.81
CA GLY B 413 12.51 -8.26 0.84
C GLY B 413 11.52 -7.12 1.03
N HIS B 414 10.26 -7.34 0.66
CA HIS B 414 9.14 -6.36 0.79
C HIS B 414 8.74 -6.22 2.27
N THR B 415 9.50 -5.46 3.05
CA THR B 415 9.19 -5.14 4.48
C THR B 415 8.19 -3.97 4.58
N PHE B 416 7.96 -3.23 3.49
CA PHE B 416 7.02 -2.08 3.47
C PHE B 416 5.58 -2.57 3.71
N ASN B 417 5.21 -3.67 3.05
CA ASN B 417 3.87 -4.32 3.15
C ASN B 417 3.69 -4.97 4.54
N TYR B 418 4.78 -5.17 5.30
CA TYR B 418 4.76 -5.89 6.60
C TYR B 418 5.39 -5.02 7.65
N PRO B 419 4.68 -3.97 8.11
CA PRO B 419 5.29 -2.95 8.94
C PRO B 419 5.61 -3.42 10.36
N ILE B 420 5.08 -4.57 10.81
CA ILE B 420 5.22 -5.05 12.21
C ILE B 420 6.04 -6.33 12.21
N MET B 421 6.99 -6.42 13.13
CA MET B 421 7.72 -7.66 13.47
C MET B 421 7.31 -8.07 14.88
N GLY B 422 6.98 -9.34 15.07
CA GLY B 422 6.60 -9.90 16.36
C GLY B 422 7.60 -10.94 16.82
N TRP B 423 7.79 -11.04 18.14
CA TRP B 423 8.51 -12.14 18.81
C TRP B 423 7.49 -13.05 19.50
N PHE B 424 7.49 -14.32 19.16
CA PHE B 424 6.72 -15.39 19.83
C PHE B 424 7.70 -16.38 20.48
N ARG B 425 7.19 -17.25 21.37
CA ARG B 425 7.96 -18.36 22.00
C ARG B 425 7.03 -19.54 22.27
N GLN B 426 7.49 -20.75 21.94
CA GLN B 426 6.72 -22.02 22.08
C GLN B 426 7.46 -22.96 23.03
N ALA B 427 6.96 -23.13 24.26
CA ALA B 427 7.43 -24.12 25.25
C ALA B 427 6.99 -25.52 24.80
N PRO B 428 7.70 -26.61 25.19
CA PRO B 428 7.29 -27.97 24.82
C PRO B 428 5.90 -28.34 25.35
N GLY B 429 4.96 -28.63 24.44
CA GLY B 429 3.56 -29.01 24.76
C GLY B 429 2.59 -27.84 24.61
N LYS B 430 2.96 -26.66 25.11
CA LYS B 430 2.09 -25.45 25.19
C LYS B 430 1.94 -24.82 23.80
N GLU B 431 0.97 -23.91 23.66
CA GLU B 431 0.65 -23.17 22.40
C GLU B 431 1.69 -22.07 22.18
N ARG B 432 1.83 -21.60 20.94
CA ARG B 432 2.76 -20.49 20.55
C ARG B 432 2.25 -19.17 21.14
N GLU B 433 3.13 -18.42 21.80
CA GLU B 433 2.81 -17.37 22.79
C GLU B 433 3.49 -16.06 22.38
N PHE B 434 2.75 -14.95 22.48
CA PHE B 434 3.23 -13.58 22.15
C PHE B 434 4.24 -13.13 23.21
N VAL B 435 5.33 -12.51 22.77
CA VAL B 435 6.38 -11.89 23.65
C VAL B 435 6.32 -10.38 23.47
N GLY B 436 6.47 -9.92 22.24
CA GLY B 436 6.38 -8.50 21.91
C GLY B 436 6.43 -8.25 20.43
N ALA B 437 6.27 -7.01 20.04
CA ALA B 437 6.21 -6.61 18.63
C ALA B 437 6.72 -5.21 18.51
N ILE B 438 7.32 -4.92 17.37
CA ILE B 438 7.86 -3.59 17.03
C ILE B 438 7.46 -3.24 15.60
N SER B 439 6.99 -2.01 15.40
CA SER B 439 6.88 -1.38 14.07
C SER B 439 8.29 -1.01 13.56
N TRP B 440 8.60 -1.37 12.32
CA TRP B 440 9.81 -0.91 11.58
C TRP B 440 9.89 0.62 11.57
N SER B 441 8.80 1.29 11.17
CA SER B 441 8.68 2.77 11.09
C SER B 441 8.01 3.29 12.37
N GLY B 442 8.74 4.07 13.17
CA GLY B 442 8.26 4.71 14.41
C GLY B 442 8.80 4.02 15.66
N GLY B 443 9.01 2.70 15.61
CA GLY B 443 9.49 1.89 16.75
C GLY B 443 8.45 1.76 17.84
N SER B 444 7.15 1.88 17.49
CA SER B 444 6.00 1.64 18.40
C SER B 444 6.05 0.20 18.89
N THR B 445 6.15 0.01 20.22
CA THR B 445 6.50 -1.27 20.86
C THR B 445 5.34 -1.72 21.76
N SER B 446 5.20 -3.03 21.94
CA SER B 446 4.21 -3.69 22.81
C SER B 446 4.83 -4.97 23.38
N TYR B 447 4.46 -5.33 24.61
CA TYR B 447 5.01 -6.51 25.33
C TYR B 447 3.88 -7.28 25.98
N ALA B 448 4.03 -8.60 26.05
CA ALA B 448 3.25 -9.47 26.95
C ALA B 448 3.58 -9.10 28.42
N ASP B 449 2.63 -9.30 29.34
CA ASP B 449 2.75 -8.95 30.78
C ASP B 449 3.96 -9.68 31.39
N SER B 450 4.12 -10.97 31.07
CA SER B 450 5.18 -11.88 31.60
C SER B 450 6.58 -11.25 31.46
N VAL B 451 6.86 -10.61 30.32
CA VAL B 451 8.20 -10.06 29.96
C VAL B 451 8.22 -8.53 30.07
N LYS B 452 7.11 -7.91 30.50
CA LYS B 452 7.00 -6.44 30.72
C LYS B 452 7.98 -6.03 31.84
N ASP B 453 8.87 -5.07 31.55
CA ASP B 453 9.94 -4.58 32.47
C ASP B 453 10.97 -5.69 32.71
N ARG B 454 11.29 -6.47 31.67
CA ARG B 454 12.40 -7.47 31.66
C ARG B 454 13.06 -7.47 30.27
N PHE B 455 12.32 -7.96 29.25
CA PHE B 455 12.76 -7.96 27.82
C PHE B 455 12.53 -6.56 27.25
N THR B 456 13.35 -6.16 26.27
CA THR B 456 13.18 -4.93 25.46
C THR B 456 13.49 -5.26 24.00
N ILE B 457 12.57 -4.91 23.10
CA ILE B 457 12.73 -5.06 21.63
C ILE B 457 13.05 -3.69 21.06
N SER B 458 13.95 -3.63 20.08
CA SER B 458 14.04 -2.51 19.10
C SER B 458 14.75 -2.97 17.83
N ARG B 459 14.98 -2.05 16.88
CA ARG B 459 15.42 -2.36 15.50
C ARG B 459 16.36 -1.26 15.00
N ASP B 460 16.98 -1.49 13.84
CA ASP B 460 17.66 -0.47 13.00
C ASP B 460 17.31 -0.73 11.53
N ASN B 461 16.68 0.26 10.87
CA ASN B 461 16.13 0.15 9.49
C ASN B 461 17.28 0.08 8.46
N ALA B 462 18.48 0.54 8.84
CA ALA B 462 19.71 0.50 8.01
C ALA B 462 20.06 -0.95 7.65
N LYS B 463 20.17 -1.82 8.66
CA LYS B 463 20.53 -3.26 8.50
C LYS B 463 19.28 -4.10 8.17
N ASN B 464 18.07 -3.55 8.38
CA ASN B 464 16.77 -4.28 8.33
C ASN B 464 16.80 -5.38 9.39
N THR B 465 17.00 -4.99 10.65
CA THR B 465 17.25 -5.88 11.81
C THR B 465 16.37 -5.46 12.99
N VAL B 466 15.78 -6.44 13.67
CA VAL B 466 15.04 -6.29 14.96
C VAL B 466 15.75 -7.16 16.00
N TYR B 467 15.81 -6.72 17.25
CA TYR B 467 16.49 -7.47 18.34
C TYR B 467 15.59 -7.52 19.58
N LEU B 468 15.50 -8.70 20.19
CA LEU B 468 14.92 -8.96 21.54
C LEU B 468 16.07 -9.06 22.57
N GLU B 469 16.23 -8.03 23.39
CA GLU B 469 17.24 -7.96 24.50
C GLU B 469 16.66 -8.60 25.76
N MET B 470 16.93 -9.89 25.98
CA MET B 470 16.36 -10.71 27.09
C MET B 470 17.23 -10.54 28.35
N ASN B 471 16.89 -9.55 29.18
CA ASN B 471 17.52 -9.28 30.50
C ASN B 471 16.66 -9.88 31.62
N ASN B 472 17.29 -10.24 32.75
CA ASN B 472 16.62 -10.67 34.01
C ASN B 472 15.90 -12.01 33.77
N LEU B 473 16.60 -12.97 33.15
CA LEU B 473 16.02 -14.25 32.64
C LEU B 473 15.54 -15.13 33.81
N LYS B 474 14.66 -16.09 33.49
CA LYS B 474 13.97 -16.99 34.46
C LYS B 474 13.82 -18.38 33.85
N PRO B 475 13.64 -19.46 34.66
CA PRO B 475 13.45 -20.81 34.11
C PRO B 475 12.11 -21.03 33.39
N GLU B 476 11.17 -20.09 33.53
CA GLU B 476 9.90 -20.03 32.73
C GLU B 476 10.21 -19.61 31.27
N ASP B 477 11.33 -18.90 31.05
CA ASP B 477 11.73 -18.34 29.72
C ASP B 477 12.50 -19.42 28.92
N THR B 478 11.94 -20.63 28.82
CA THR B 478 12.58 -21.81 28.19
C THR B 478 11.66 -22.35 27.08
N ALA B 479 11.95 -21.98 25.82
CA ALA B 479 11.06 -22.19 24.65
C ALA B 479 11.85 -22.02 23.35
N VAL B 480 11.28 -22.47 22.23
CA VAL B 480 11.72 -22.11 20.85
C VAL B 480 11.16 -20.70 20.55
N TYR B 481 12.02 -19.68 20.59
CA TYR B 481 11.69 -18.27 20.25
C TYR B 481 11.70 -18.08 18.72
N TYR B 482 10.56 -17.65 18.14
CA TYR B 482 10.38 -17.35 16.70
C TYR B 482 10.16 -15.85 16.49
N CYS B 483 10.60 -15.36 15.32
CA CYS B 483 10.36 -14.00 14.80
C CYS B 483 9.31 -14.09 13.69
N ALA B 484 8.43 -13.09 13.51
CA ALA B 484 7.43 -13.12 12.42
C ALA B 484 7.04 -11.71 11.99
N ALA B 485 6.55 -11.61 10.76
CA ALA B 485 6.12 -10.35 10.13
C ALA B 485 4.58 -10.34 9.97
N LYS B 486 3.94 -9.20 10.22
CA LYS B 486 2.45 -9.05 10.13
C LYS B 486 2.18 -8.02 9.03
N GLY B 487 1.21 -8.30 8.16
CA GLY B 487 0.70 -7.35 7.17
C GLY B 487 -0.02 -6.20 7.83
N ARG B 488 -0.16 -5.12 7.11
CA ARG B 488 -0.80 -3.87 7.57
C ARG B 488 -2.23 -4.11 8.09
N TYR B 489 -3.04 -4.90 7.40
CA TYR B 489 -4.48 -5.08 7.73
C TYR B 489 -4.75 -6.47 8.27
N SER B 490 -3.76 -7.11 8.88
CA SER B 490 -3.82 -8.57 9.18
C SER B 490 -4.32 -8.86 10.61
N GLY B 491 -4.87 -7.90 11.34
CA GLY B 491 -5.58 -8.15 12.60
C GLY B 491 -4.78 -7.76 13.84
N GLY B 492 -5.12 -8.30 15.00
CA GLY B 492 -4.49 -7.96 16.29
C GLY B 492 -3.04 -8.47 16.36
N LEU B 493 -2.18 -7.73 17.08
CA LEU B 493 -0.76 -8.05 17.34
C LEU B 493 -0.57 -9.39 18.00
N TYR B 494 -1.47 -9.76 18.90
CA TYR B 494 -1.22 -10.87 19.85
C TYR B 494 -1.33 -12.24 19.20
N TYR B 495 -1.94 -12.37 18.02
CA TYR B 495 -2.46 -13.68 17.52
C TYR B 495 -1.52 -14.20 16.45
N PRO B 496 -0.78 -15.29 16.69
CA PRO B 496 0.23 -15.77 15.75
C PRO B 496 -0.27 -16.15 14.36
N THR B 497 -1.54 -16.51 14.22
CA THR B 497 -2.11 -16.84 12.89
C THR B 497 -2.22 -15.59 12.00
N ASN B 498 -2.15 -14.39 12.56
CA ASN B 498 -2.18 -13.14 11.77
C ASN B 498 -0.83 -12.91 11.08
N TYR B 499 0.23 -13.61 11.48
CA TYR B 499 1.60 -13.34 11.01
C TYR B 499 1.92 -14.28 9.85
N ASP B 500 2.68 -13.80 8.88
CA ASP B 500 2.91 -14.56 7.61
C ASP B 500 4.30 -15.14 7.53
N TYR B 501 5.35 -14.42 7.92
CA TYR B 501 6.74 -14.85 7.55
C TYR B 501 7.49 -15.17 8.83
N TRP B 502 7.67 -16.46 9.09
CA TRP B 502 8.19 -16.99 10.39
C TRP B 502 9.67 -17.34 10.21
N GLY B 503 10.53 -16.84 11.10
CA GLY B 503 11.93 -17.27 11.25
C GLY B 503 12.05 -18.75 11.60
N GLN B 504 13.28 -19.29 11.58
CA GLN B 504 13.59 -20.73 11.83
C GLN B 504 13.11 -21.11 13.24
N GLY B 505 13.56 -20.35 14.24
CA GLY B 505 13.20 -20.53 15.66
C GLY B 505 14.40 -21.02 16.48
N THR B 506 15.02 -20.10 17.24
CA THR B 506 16.14 -20.40 18.19
C THR B 506 15.58 -21.04 19.46
N GLN B 507 16.09 -22.22 19.83
CA GLN B 507 15.86 -22.87 21.15
C GLN B 507 16.72 -22.14 22.19
N VAL B 508 16.13 -21.79 23.35
CA VAL B 508 16.80 -21.12 24.50
C VAL B 508 16.42 -21.87 25.78
N THR B 509 17.42 -22.38 26.50
CA THR B 509 17.29 -23.07 27.82
C THR B 509 18.19 -22.35 28.85
N VAL B 510 17.73 -22.27 30.10
CA VAL B 510 18.45 -21.59 31.23
C VAL B 510 18.29 -22.44 32.51
#